data_7P9D
#
_entry.id   7P9D
#
_cell.length_a   85.062
_cell.length_b   85.062
_cell.length_c   87.053
_cell.angle_alpha   90.000
_cell.angle_beta   90.000
_cell.angle_gamma   90.000
#
_symmetry.space_group_name_H-M   'P 43 21 2'
#
loop_
_entity.id
_entity.type
_entity.pdbx_description
1 polymer 'Thioredoxin reductase'
2 non-polymer 'FLAVIN-ADENINE DINUCLEOTIDE'
3 water water
#
_entity_poly.entity_id   1
_entity_poly.type   'polypeptide(L)'
_entity_poly.pdbx_seq_one_letter_code
;MENVVIIGSGPAGYTAAIYAARANLKPVVFEGFRNGRGGQLMTTTEVENFPGFPEGITGPDLMDRMRKQAERWGSELYTE
DVEQVDLSVRPFVIRSSDRELRAHSVIIATGATAKRLGLPSENTFWSRGISACAICDGASPLFKNAEVAVVGGGDSATEE
AVYVTKYAKHVHLLVRGERMRASKAMQDRVLANPRITVHFNTGIEDAFGGEVLQGLRLFDTRTGEKRSLDVQGMFYGIGH
TPNSKLVAGQVELDEAGYVKVAHGAATSVPGVFSAGDLHDTEWRQAITAAGSGCMAALSAERYLTANNLVREFKQKDEPA
AHGHAAAAGGNGNGNGHAAAAANGGSEAKATSSIDTPETFDLSADKHKGQYALRKLYHESDRLICVLYTSPTCGPCRTLK
PIFNGVVDEYTGKVHYVEIDIEQDPEIAEAAGVMGTPTVQMFKDKARVEQLSGVKMKKDYRAIIEKYVPAAVSAKLAAAL
EHHHHHH
;
_entity_poly.pdbx_strand_id   A
#
loop_
_chem_comp.id
_chem_comp.type
_chem_comp.name
_chem_comp.formula
FAD non-polymer 'FLAVIN-ADENINE DINUCLEOTIDE' 'C27 H33 N9 O15 P2'
#
# COMPACT_ATOMS: atom_id res chain seq x y z
N MET A 1 16.01 -24.68 7.47
CA MET A 1 15.82 -24.66 6.01
C MET A 1 14.31 -24.66 5.73
N GLU A 2 13.80 -23.53 5.23
CA GLU A 2 12.37 -23.30 4.94
C GLU A 2 12.04 -23.78 3.53
N ASN A 3 10.83 -24.30 3.34
CA ASN A 3 10.29 -24.56 2.00
C ASN A 3 9.99 -23.21 1.36
N VAL A 4 9.33 -22.33 2.10
CA VAL A 4 8.91 -21.01 1.53
C VAL A 4 8.90 -20.01 2.66
N VAL A 5 9.33 -18.80 2.33
CA VAL A 5 9.27 -17.64 3.24
C VAL A 5 8.42 -16.63 2.50
N ILE A 6 7.39 -16.15 3.18
CA ILE A 6 6.49 -15.09 2.67
C ILE A 6 6.84 -13.82 3.42
N ILE A 7 6.99 -12.70 2.70
CA ILE A 7 7.23 -11.35 3.27
C ILE A 7 6.01 -10.46 3.01
N GLY A 8 5.31 -10.12 4.09
CA GLY A 8 4.11 -9.24 4.04
C GLY A 8 2.88 -9.93 4.59
N SER A 9 2.00 -9.15 5.24
CA SER A 9 0.79 -9.61 5.94
C SER A 9 -0.42 -8.78 5.45
N GLY A 10 -0.42 -8.44 4.18
CA GLY A 10 -1.63 -8.01 3.48
C GLY A 10 -2.44 -9.21 3.02
N PRO A 11 -3.54 -8.96 2.27
CA PRO A 11 -4.35 -10.03 1.70
C PRO A 11 -3.56 -10.99 0.80
N ALA A 12 -2.54 -10.48 0.07
CA ALA A 12 -1.63 -11.28 -0.76
C ALA A 12 -0.81 -12.25 0.09
N GLY A 13 -0.11 -11.74 1.11
CA GLY A 13 0.74 -12.54 2.01
C GLY A 13 -0.05 -13.62 2.74
N TYR A 14 -1.20 -13.26 3.32
CA TYR A 14 -1.99 -14.20 4.13
C TYR A 14 -2.63 -15.22 3.21
N THR A 15 -3.11 -14.84 2.03
CA THR A 15 -3.69 -15.84 1.09
C THR A 15 -2.61 -16.81 0.65
N ALA A 16 -1.40 -16.31 0.37
CA ALA A 16 -0.25 -17.18 0.03
C ALA A 16 -0.02 -18.14 1.19
N ALA A 17 -0.03 -17.65 2.41
CA ALA A 17 0.27 -18.45 3.61
C ALA A 17 -0.76 -19.57 3.78
N ILE A 18 -2.03 -19.24 3.60
CA ILE A 18 -3.13 -20.23 3.71
C ILE A 18 -2.91 -21.36 2.69
N TYR A 19 -2.57 -21.03 1.44
CA TYR A 19 -2.36 -22.04 0.38
C TYR A 19 -1.11 -22.88 0.68
N ALA A 20 0.01 -22.24 1.02
CA ALA A 20 1.29 -22.92 1.35
C ALA A 20 1.13 -23.82 2.59
N ALA A 21 0.46 -23.32 3.64
CA ALA A 21 0.23 -24.09 4.89
C ALA A 21 -0.67 -25.29 4.59
N ARG A 22 -1.72 -25.11 3.80
CA ARG A 22 -2.65 -26.22 3.48
C ARG A 22 -1.96 -27.26 2.62
N ALA A 23 -0.93 -26.89 1.84
CA ALA A 23 -0.08 -27.82 1.07
C ALA A 23 1.00 -28.45 1.97
N ASN A 24 0.94 -28.25 3.30
CA ASN A 24 1.89 -28.84 4.28
C ASN A 24 3.31 -28.28 4.13
N LEU A 25 3.52 -27.07 3.63
CA LEU A 25 4.88 -26.51 3.43
C LEU A 25 5.39 -25.78 4.69
N LYS A 26 4.53 -25.59 5.70
CA LYS A 26 4.91 -24.92 6.97
C LYS A 26 5.54 -23.57 6.63
N PRO A 27 4.83 -22.71 5.89
CA PRO A 27 5.41 -21.42 5.50
C PRO A 27 5.77 -20.62 6.75
N VAL A 28 6.85 -19.87 6.64
CA VAL A 28 7.17 -18.78 7.58
C VAL A 28 6.74 -17.47 6.92
N VAL A 29 6.02 -16.65 7.68
CA VAL A 29 5.55 -15.30 7.23
C VAL A 29 6.23 -14.26 8.11
N PHE A 30 7.03 -13.39 7.50
CA PHE A 30 7.49 -12.12 8.10
C PHE A 30 6.39 -11.09 7.83
N GLU A 31 5.62 -10.77 8.86
CA GLU A 31 4.33 -10.06 8.74
C GLU A 31 4.61 -8.55 8.67
N GLY A 32 5.78 -8.12 9.13
CA GLY A 32 6.08 -6.70 9.35
C GLY A 32 5.73 -6.26 10.77
N PHE A 33 6.34 -5.16 11.21
CA PHE A 33 6.04 -4.51 12.51
C PHE A 33 6.07 -3.00 12.28
N ARG A 34 7.27 -2.43 12.07
CA ARG A 34 7.41 -0.99 11.73
C ARG A 34 6.73 -0.74 10.38
N ASN A 35 6.70 -1.74 9.49
CA ASN A 35 6.06 -1.58 8.16
C ASN A 35 4.52 -1.58 8.31
N GLY A 36 3.96 -1.96 9.47
CA GLY A 36 2.49 -1.99 9.68
C GLY A 36 1.91 -3.37 9.38
N ARG A 37 1.76 -4.21 10.41
CA ARG A 37 1.19 -5.57 10.24
C ARG A 37 -0.25 -5.49 9.71
N GLY A 38 -0.61 -6.32 8.73
CA GLY A 38 -1.98 -6.39 8.22
C GLY A 38 -2.22 -5.59 6.93
N GLY A 39 -1.23 -4.82 6.45
CA GLY A 39 -1.34 -4.12 5.16
C GLY A 39 -2.27 -2.91 5.16
N GLN A 40 -2.61 -2.44 3.96
CA GLN A 40 -3.32 -1.15 3.73
C GLN A 40 -4.75 -1.18 4.32
N LEU A 41 -5.42 -2.34 4.39
CA LEU A 41 -6.82 -2.41 4.87
C LEU A 41 -6.88 -2.09 6.38
N MET A 42 -5.77 -2.21 7.12
CA MET A 42 -5.71 -1.80 8.55
C MET A 42 -5.99 -0.29 8.65
N THR A 43 -5.73 0.47 7.61
CA THR A 43 -5.80 1.96 7.62
C THR A 43 -7.16 2.44 7.12
N THR A 44 -8.06 1.57 6.69
CA THR A 44 -9.40 1.98 6.21
C THR A 44 -10.45 1.74 7.31
N THR A 45 -11.69 2.11 7.02
CA THR A 45 -12.84 1.97 7.93
C THR A 45 -13.56 0.68 7.58
N GLU A 46 -14.50 0.74 6.64
CA GLU A 46 -15.39 -0.38 6.23
C GLU A 46 -15.01 -0.84 4.81
N VAL A 47 -14.86 -2.14 4.62
CA VAL A 47 -14.62 -2.81 3.31
C VAL A 47 -15.98 -3.37 2.86
N GLU A 48 -16.43 -3.01 1.66
CA GLU A 48 -17.79 -3.35 1.13
C GLU A 48 -17.70 -4.16 -0.15
N ASN A 49 -16.51 -4.23 -0.74
CA ASN A 49 -16.29 -4.87 -2.06
C ASN A 49 -15.41 -6.12 -1.91
N PHE A 50 -15.28 -6.70 -0.71
CA PHE A 50 -14.59 -8.02 -0.53
C PHE A 50 -15.69 -9.06 -0.51
N PRO A 51 -15.77 -9.91 -1.55
CA PRO A 51 -16.89 -10.82 -1.69
C PRO A 51 -16.99 -11.82 -0.52
N GLY A 52 -18.21 -12.04 -0.04
CA GLY A 52 -18.50 -12.92 1.10
C GLY A 52 -18.93 -12.14 2.34
N PHE A 53 -18.97 -10.80 2.28
CA PHE A 53 -19.35 -9.97 3.44
C PHE A 53 -20.41 -8.98 2.98
N PRO A 54 -21.66 -9.44 2.79
CA PRO A 54 -22.73 -8.56 2.34
C PRO A 54 -23.04 -7.38 3.27
N GLU A 55 -22.76 -7.49 4.57
CA GLU A 55 -23.01 -6.43 5.59
C GLU A 55 -21.83 -5.44 5.68
N GLY A 56 -20.77 -5.70 4.93
CA GLY A 56 -19.49 -4.99 5.11
C GLY A 56 -18.72 -5.59 6.27
N ILE A 57 -17.43 -5.30 6.34
CA ILE A 57 -16.55 -5.74 7.44
C ILE A 57 -15.48 -4.67 7.60
N THR A 58 -15.10 -4.37 8.84
CA THR A 58 -14.00 -3.41 9.07
C THR A 58 -12.74 -4.00 8.45
N GLY A 59 -11.84 -3.13 8.01
CA GLY A 59 -10.50 -3.52 7.57
C GLY A 59 -9.80 -4.39 8.60
N PRO A 60 -9.66 -3.92 9.87
CA PRO A 60 -8.96 -4.69 10.89
C PRO A 60 -9.59 -6.07 11.16
N ASP A 61 -10.91 -6.19 11.12
CA ASP A 61 -11.58 -7.48 11.38
C ASP A 61 -11.32 -8.43 10.22
N LEU A 62 -11.37 -7.92 8.99
CA LEU A 62 -11.10 -8.79 7.82
C LEU A 62 -9.66 -9.29 7.93
N MET A 63 -8.72 -8.41 8.27
CA MET A 63 -7.28 -8.84 8.30
C MET A 63 -7.01 -9.77 9.50
N ASP A 64 -7.74 -9.60 10.60
CA ASP A 64 -7.67 -10.48 11.79
C ASP A 64 -8.12 -11.90 11.39
N ARG A 65 -9.21 -11.98 10.63
CA ARG A 65 -9.72 -13.29 10.14
C ARG A 65 -8.66 -13.98 9.27
N MET A 66 -8.05 -13.22 8.37
CA MET A 66 -7.02 -13.80 7.46
C MET A 66 -5.83 -14.33 8.26
N ARG A 67 -5.36 -13.57 9.25
CA ARG A 67 -4.26 -14.01 10.14
C ARG A 67 -4.67 -15.32 10.86
N LYS A 68 -5.87 -15.40 11.44
CA LYS A 68 -6.32 -16.59 12.19
C LYS A 68 -6.36 -17.78 11.24
N GLN A 69 -6.78 -17.55 9.99
CA GLN A 69 -6.88 -18.63 8.98
C GLN A 69 -5.48 -19.11 8.61
N ALA A 70 -4.54 -18.19 8.41
CA ALA A 70 -3.15 -18.55 8.10
C ALA A 70 -2.60 -19.42 9.22
N GLU A 71 -2.83 -18.99 10.46
CA GLU A 71 -2.30 -19.69 11.66
C GLU A 71 -2.94 -21.07 11.79
N ARG A 72 -4.25 -21.15 11.54
CA ARG A 72 -5.01 -22.40 11.76
C ARG A 72 -4.37 -23.51 10.95
N TRP A 73 -3.96 -23.24 9.70
CA TRP A 73 -3.52 -24.29 8.74
C TRP A 73 -2.00 -24.54 8.81
N GLY A 74 -1.29 -23.91 9.75
CA GLY A 74 0.11 -24.24 10.11
C GLY A 74 1.15 -23.20 9.70
N SER A 75 0.77 -21.95 9.42
CA SER A 75 1.74 -20.87 9.15
C SER A 75 2.49 -20.51 10.43
N GLU A 76 3.80 -20.24 10.32
CA GLU A 76 4.62 -19.67 11.41
C GLU A 76 4.67 -18.16 11.18
N LEU A 77 3.96 -17.41 12.01
CA LEU A 77 3.77 -15.94 11.85
C LEU A 77 4.72 -15.14 12.75
N TYR A 78 5.65 -14.39 12.16
CA TYR A 78 6.57 -13.49 12.92
C TYR A 78 6.16 -12.04 12.68
N THR A 79 5.86 -11.30 13.74
CA THR A 79 5.63 -9.84 13.69
C THR A 79 6.99 -9.14 13.68
N GLU A 80 7.69 -9.23 12.56
CA GLU A 80 9.10 -8.81 12.34
C GLU A 80 9.21 -8.25 10.94
N ASP A 81 9.99 -7.18 10.80
CA ASP A 81 10.39 -6.60 9.49
C ASP A 81 11.57 -7.39 8.94
N VAL A 82 11.52 -7.73 7.66
CA VAL A 82 12.69 -8.23 6.91
C VAL A 82 13.58 -7.01 6.60
N GLU A 83 14.87 -7.11 6.91
CA GLU A 83 15.83 -5.98 6.72
C GLU A 83 16.56 -6.16 5.39
N GLN A 84 16.78 -7.41 4.99
CA GLN A 84 17.67 -7.74 3.86
C GLN A 84 17.34 -9.13 3.33
N VAL A 85 17.31 -9.27 2.01
CA VAL A 85 17.28 -10.61 1.38
C VAL A 85 18.48 -10.73 0.44
N ASP A 86 18.95 -11.96 0.26
CA ASP A 86 19.93 -12.33 -0.78
C ASP A 86 19.26 -13.40 -1.67
N LEU A 87 18.94 -12.96 -2.88
CA LEU A 87 18.32 -13.79 -3.94
C LEU A 87 19.39 -14.21 -4.95
N SER A 88 20.65 -13.81 -4.74
CA SER A 88 21.75 -14.15 -5.70
C SER A 88 22.33 -15.54 -5.39
N VAL A 89 22.00 -16.13 -4.23
CA VAL A 89 22.51 -17.48 -3.81
C VAL A 89 21.31 -18.42 -3.62
N ARG A 90 21.57 -19.73 -3.62
CA ARG A 90 20.56 -20.77 -3.29
C ARG A 90 21.16 -21.75 -2.29
N PRO A 91 20.49 -22.06 -1.16
CA PRO A 91 19.16 -21.51 -0.84
C PRO A 91 19.16 -19.99 -0.60
N PHE A 92 18.01 -19.34 -0.69
CA PHE A 92 17.90 -17.86 -0.54
C PHE A 92 18.14 -17.51 0.91
N VAL A 93 18.56 -16.27 1.20
CA VAL A 93 18.84 -15.82 2.61
C VAL A 93 17.88 -14.68 2.91
N ILE A 94 17.20 -14.76 4.05
CA ILE A 94 16.21 -13.75 4.49
C ILE A 94 16.58 -13.36 5.92
N ARG A 95 16.75 -12.06 6.15
CA ARG A 95 17.18 -11.57 7.46
C ARG A 95 16.17 -10.57 7.99
N SER A 96 15.65 -10.85 9.18
CA SER A 96 14.82 -9.93 9.96
C SER A 96 15.67 -9.31 11.07
N SER A 97 15.07 -8.41 11.82
CA SER A 97 15.64 -7.80 13.04
C SER A 97 16.13 -8.89 13.99
N ASP A 98 15.52 -10.08 13.95
CA ASP A 98 15.64 -11.08 15.04
C ASP A 98 16.24 -12.39 14.55
N ARG A 99 16.26 -12.69 13.26
CA ARG A 99 16.70 -14.03 12.83
C ARG A 99 17.10 -14.00 11.36
N GLU A 100 17.85 -15.03 10.95
CA GLU A 100 18.28 -15.20 9.55
C GLU A 100 17.88 -16.60 9.15
N LEU A 101 17.14 -16.75 8.05
CA LEU A 101 16.64 -18.07 7.57
C LEU A 101 17.16 -18.30 6.16
N ARG A 102 17.25 -19.58 5.79
CA ARG A 102 17.46 -20.02 4.39
C ARG A 102 16.13 -20.63 3.91
N ALA A 103 15.85 -20.51 2.61
CA ALA A 103 14.56 -20.89 2.01
C ALA A 103 14.75 -21.36 0.57
N HIS A 104 14.07 -22.45 0.21
CA HIS A 104 14.09 -22.93 -1.21
C HIS A 104 13.30 -21.98 -2.11
N SER A 105 12.36 -21.18 -1.57
CA SER A 105 11.50 -20.32 -2.40
C SER A 105 11.05 -19.13 -1.57
N VAL A 106 10.78 -18.01 -2.22
CA VAL A 106 10.39 -16.77 -1.48
C VAL A 106 9.20 -16.15 -2.19
N ILE A 107 8.18 -15.77 -1.41
CA ILE A 107 7.03 -15.00 -1.92
C ILE A 107 7.15 -13.62 -1.33
N ILE A 108 7.30 -12.63 -2.19
CA ILE A 108 7.41 -11.20 -1.78
C ILE A 108 6.02 -10.58 -1.99
N ALA A 109 5.43 -10.08 -0.91
CA ALA A 109 4.07 -9.51 -0.91
C ALA A 109 4.07 -8.24 -0.09
N THR A 110 5.04 -7.36 -0.38
CA THR A 110 5.40 -6.16 0.41
C THR A 110 4.51 -4.97 0.04
N GLY A 111 3.64 -5.11 -0.96
CA GLY A 111 2.54 -4.16 -1.21
C GLY A 111 3.03 -2.79 -1.60
N ALA A 112 2.35 -1.74 -1.12
CA ALA A 112 2.61 -0.32 -1.38
C ALA A 112 3.27 0.33 -0.15
N THR A 113 4.04 1.39 -0.35
CA THR A 113 4.60 2.21 0.75
C THR A 113 3.42 2.91 1.41
N ALA A 114 3.57 3.29 2.68
CA ALA A 114 2.53 3.98 3.47
C ALA A 114 2.03 5.18 2.68
N LYS A 115 0.73 5.40 2.71
CA LYS A 115 0.09 6.57 2.08
C LYS A 115 0.23 7.78 3.02
N ARG A 116 1.40 8.41 2.97
CA ARG A 116 1.70 9.62 3.78
C ARG A 116 2.89 10.36 3.17
N LEU A 117 3.15 11.60 3.58
CA LEU A 117 4.26 12.42 3.03
C LEU A 117 5.47 12.36 3.96
N GLY A 118 5.29 12.04 5.23
CA GLY A 118 6.42 12.10 6.18
C GLY A 118 6.75 13.53 6.64
N LEU A 119 5.86 14.50 6.44
CA LEU A 119 6.12 15.92 6.86
C LEU A 119 6.49 15.91 8.34
N PRO A 120 7.36 16.82 8.82
CA PRO A 120 7.71 16.85 10.24
C PRO A 120 6.51 16.81 11.19
N SER A 121 5.46 17.58 10.89
CA SER A 121 4.28 17.75 11.78
C SER A 121 3.11 16.83 11.36
N GLU A 122 3.37 15.81 10.56
CA GLU A 122 2.33 14.89 10.03
C GLU A 122 1.67 14.13 11.18
N ASN A 123 2.45 13.52 12.08
CA ASN A 123 1.90 12.73 13.22
C ASN A 123 1.13 13.64 14.16
N THR A 124 1.51 14.91 14.29
CA THR A 124 0.82 15.92 15.12
C THR A 124 -0.65 16.04 14.68
N PHE A 125 -0.92 16.12 13.37
CA PHE A 125 -2.26 16.47 12.84
C PHE A 125 -2.98 15.28 12.21
N TRP A 126 -2.38 14.09 12.33
CA TRP A 126 -2.99 12.81 11.90
C TRP A 126 -4.29 12.60 12.68
N SER A 127 -5.43 12.53 11.99
CA SER A 127 -6.78 12.41 12.60
C SER A 127 -7.23 13.75 13.19
N ARG A 128 -6.47 14.83 12.97
CA ARG A 128 -6.76 16.16 13.54
C ARG A 128 -6.62 17.18 12.42
N GLY A 129 -7.09 16.82 11.23
CA GLY A 129 -7.07 17.65 10.02
C GLY A 129 -6.40 16.92 8.87
N ILE A 130 -5.49 15.98 9.14
CA ILE A 130 -4.81 15.24 8.05
C ILE A 130 -5.44 13.86 7.94
N SER A 131 -5.86 13.50 6.72
CA SER A 131 -6.49 12.20 6.40
C SER A 131 -5.89 11.62 5.12
N ALA A 132 -5.64 10.30 5.11
CA ALA A 132 -5.19 9.55 3.93
C ALA A 132 -6.38 9.01 3.13
N CYS A 133 -7.63 9.26 3.53
CA CYS A 133 -8.78 8.70 2.77
C CYS A 133 -9.96 9.67 2.83
N ALA A 134 -10.10 10.52 1.81
CA ALA A 134 -11.21 11.48 1.68
C ALA A 134 -12.58 10.78 1.69
N ILE A 135 -12.72 9.60 1.09
CA ILE A 135 -14.02 8.87 1.05
C ILE A 135 -14.38 8.45 2.48
N CYS A 136 -13.41 7.99 3.27
CA CYS A 136 -13.63 7.55 4.67
C CYS A 136 -14.00 8.76 5.55
N ASP A 137 -13.47 9.96 5.28
CA ASP A 137 -13.34 11.04 6.30
C ASP A 137 -14.00 12.36 5.86
N GLY A 138 -14.34 12.53 4.59
CA GLY A 138 -14.76 13.83 4.02
C GLY A 138 -16.02 14.38 4.68
N ALA A 139 -16.93 13.50 5.09
CA ALA A 139 -18.24 13.86 5.70
C ALA A 139 -18.11 14.18 7.18
N SER A 140 -16.91 14.17 7.76
CA SER A 140 -16.67 14.42 9.21
C SER A 140 -17.02 15.86 9.57
N PRO A 141 -17.52 16.11 10.80
CA PRO A 141 -17.80 17.47 11.26
C PRO A 141 -16.63 18.44 11.10
N LEU A 142 -15.40 18.01 11.40
CA LEU A 142 -14.16 18.84 11.26
C LEU A 142 -14.12 19.58 9.91
N PHE A 143 -14.63 19.00 8.82
CA PHE A 143 -14.41 19.53 7.45
C PHE A 143 -15.62 20.31 6.96
N LYS A 144 -16.68 20.41 7.78
CA LYS A 144 -17.97 21.04 7.39
C LYS A 144 -17.74 22.54 7.19
N ASN A 145 -17.91 23.01 5.95
CA ASN A 145 -17.69 24.41 5.50
C ASN A 145 -16.26 24.87 5.79
N ALA A 146 -15.28 23.96 5.80
CA ALA A 146 -13.84 24.30 5.94
C ALA A 146 -13.21 24.56 4.56
N GLU A 147 -12.04 25.20 4.56
CA GLU A 147 -11.12 25.19 3.40
C GLU A 147 -10.20 23.98 3.61
N VAL A 148 -10.02 23.19 2.58
CA VAL A 148 -9.28 21.90 2.66
C VAL A 148 -8.43 21.81 1.42
N ALA A 149 -7.39 20.98 1.52
CA ALA A 149 -6.45 20.68 0.45
C ALA A 149 -6.61 19.20 0.14
N VAL A 150 -6.50 18.87 -1.14
CA VAL A 150 -6.35 17.49 -1.61
C VAL A 150 -5.01 17.47 -2.32
N VAL A 151 -4.12 16.59 -1.89
CA VAL A 151 -2.76 16.41 -2.49
C VAL A 151 -2.86 15.40 -3.62
N GLY A 152 -2.49 15.82 -4.83
CA GLY A 152 -2.25 14.92 -5.97
C GLY A 152 -3.03 15.46 -7.15
N GLY A 153 -2.76 14.98 -8.37
CA GLY A 153 -3.45 15.46 -9.58
C GLY A 153 -3.95 14.32 -10.43
N GLY A 154 -3.97 13.10 -9.88
CA GLY A 154 -4.42 11.87 -10.58
C GLY A 154 -5.94 11.69 -10.63
N ASP A 155 -6.39 10.51 -11.07
CA ASP A 155 -7.82 10.17 -11.26
C ASP A 155 -8.47 10.10 -9.89
N SER A 156 -7.85 9.36 -8.98
CA SER A 156 -8.38 9.26 -7.61
C SER A 156 -8.49 10.69 -7.08
N ALA A 157 -7.43 11.50 -7.18
CA ALA A 157 -7.33 12.82 -6.49
C ALA A 157 -8.39 13.80 -7.00
N THR A 158 -8.67 13.86 -8.30
CA THR A 158 -9.69 14.80 -8.86
C THR A 158 -11.08 14.37 -8.40
N GLU A 159 -11.35 13.06 -8.38
CA GLU A 159 -12.67 12.51 -7.91
C GLU A 159 -12.82 12.84 -6.42
N GLU A 160 -11.76 12.61 -5.64
CA GLU A 160 -11.73 12.94 -4.20
C GLU A 160 -11.97 14.44 -3.98
N ALA A 161 -11.40 15.31 -4.80
CA ALA A 161 -11.57 16.78 -4.68
C ALA A 161 -13.06 17.12 -4.86
N VAL A 162 -13.67 16.56 -5.89
CA VAL A 162 -15.09 16.83 -6.25
C VAL A 162 -15.98 16.32 -5.10
N TYR A 163 -15.74 15.09 -4.63
CA TYR A 163 -16.47 14.48 -3.51
C TYR A 163 -16.51 15.45 -2.32
N VAL A 164 -15.35 16.00 -1.98
CA VAL A 164 -15.14 16.82 -0.76
C VAL A 164 -15.81 18.20 -0.94
N THR A 165 -16.07 18.66 -2.17
CA THR A 165 -16.83 19.92 -2.40
C THR A 165 -18.30 19.76 -1.96
N LYS A 166 -18.77 18.54 -1.69
CA LYS A 166 -20.12 18.35 -1.08
C LYS A 166 -20.12 18.94 0.34
N TYR A 167 -18.95 19.03 0.99
CA TYR A 167 -18.88 19.26 2.45
C TYR A 167 -18.09 20.52 2.75
N ALA A 168 -17.00 20.75 2.03
CA ALA A 168 -16.07 21.86 2.28
C ALA A 168 -16.57 23.11 1.57
N LYS A 169 -16.26 24.28 2.12
CA LYS A 169 -16.55 25.55 1.42
C LYS A 169 -15.64 25.63 0.19
N HIS A 170 -14.36 25.27 0.35
CA HIS A 170 -13.39 25.36 -0.79
C HIS A 170 -12.35 24.23 -0.73
N VAL A 171 -11.99 23.72 -1.90
CA VAL A 171 -10.96 22.66 -2.05
C VAL A 171 -9.80 23.25 -2.83
N HIS A 172 -8.59 23.16 -2.28
CA HIS A 172 -7.33 23.48 -2.99
C HIS A 172 -6.68 22.16 -3.42
N LEU A 173 -6.67 21.87 -4.71
CA LEU A 173 -6.03 20.66 -5.29
C LEU A 173 -4.55 20.99 -5.57
N LEU A 174 -3.65 20.30 -4.91
CA LEU A 174 -2.20 20.61 -4.94
C LEU A 174 -1.48 19.59 -5.80
N VAL A 175 -0.98 20.03 -6.95
CA VAL A 175 -0.33 19.22 -8.00
C VAL A 175 1.15 19.62 -8.11
N ARG A 176 2.04 18.64 -8.12
CA ARG A 176 3.51 18.86 -8.13
C ARG A 176 3.90 19.46 -9.46
N GLY A 177 3.30 18.95 -10.54
CA GLY A 177 3.64 19.32 -11.92
C GLY A 177 2.72 20.39 -12.48
N GLU A 178 2.79 20.56 -13.79
CA GLU A 178 2.14 21.65 -14.55
C GLU A 178 0.78 21.17 -15.03
N ARG A 179 0.58 19.87 -15.05
CA ARG A 179 -0.60 19.20 -15.67
C ARG A 179 -1.10 18.16 -14.66
N MET A 180 -2.42 18.10 -14.44
CA MET A 180 -3.11 16.97 -13.80
C MET A 180 -2.84 15.72 -14.65
N ARG A 181 -2.85 14.53 -14.06
CA ARG A 181 -2.66 13.27 -14.83
C ARG A 181 -4.01 12.56 -14.98
N ALA A 182 -5.09 13.15 -14.48
CA ALA A 182 -6.48 12.65 -14.61
C ALA A 182 -6.95 12.75 -16.07
N SER A 183 -8.09 12.13 -16.41
CA SER A 183 -8.76 12.21 -17.74
C SER A 183 -9.20 13.65 -18.00
N LYS A 184 -9.43 14.01 -19.27
CA LYS A 184 -9.77 15.41 -19.67
C LYS A 184 -11.16 15.78 -19.16
N ALA A 185 -12.05 14.80 -19.00
CA ALA A 185 -13.41 14.96 -18.43
C ALA A 185 -13.28 15.43 -16.98
N MET A 186 -12.48 14.68 -16.20
CA MET A 186 -12.16 14.98 -14.78
C MET A 186 -11.56 16.38 -14.68
N GLN A 187 -10.72 16.76 -15.64
CA GLN A 187 -10.02 18.08 -15.68
C GLN A 187 -11.05 19.21 -15.94
N ASP A 188 -11.95 19.02 -16.89
CA ASP A 188 -13.03 19.98 -17.21
C ASP A 188 -13.97 20.11 -16.02
N ARG A 189 -14.23 19.00 -15.32
CA ARG A 189 -15.11 18.97 -14.13
C ARG A 189 -14.46 19.81 -13.01
N VAL A 190 -13.15 19.62 -12.80
CA VAL A 190 -12.35 20.29 -11.73
C VAL A 190 -12.21 21.79 -12.06
N LEU A 191 -11.76 22.10 -13.28
CA LEU A 191 -11.45 23.50 -13.69
C LEU A 191 -12.76 24.30 -13.83
N ALA A 192 -13.89 23.61 -14.02
CA ALA A 192 -15.25 24.22 -13.97
C ALA A 192 -15.62 24.53 -12.52
N ASN A 193 -15.62 23.51 -11.67
CA ASN A 193 -16.16 23.57 -10.29
C ASN A 193 -15.70 24.86 -9.62
N PRO A 194 -16.65 25.72 -9.14
CA PRO A 194 -16.29 27.02 -8.59
C PRO A 194 -15.67 26.93 -7.19
N ARG A 195 -15.75 25.74 -6.58
CA ARG A 195 -15.30 25.47 -5.19
C ARG A 195 -13.94 24.76 -5.18
N ILE A 196 -13.31 24.55 -6.34
CA ILE A 196 -11.93 23.99 -6.49
C ILE A 196 -11.01 25.04 -7.11
N THR A 197 -9.87 25.31 -6.45
CA THR A 197 -8.65 25.95 -7.00
C THR A 197 -7.55 24.90 -7.17
N VAL A 198 -7.04 24.73 -8.39
CA VAL A 198 -5.89 23.85 -8.70
C VAL A 198 -4.59 24.69 -8.57
N HIS A 199 -3.70 24.28 -7.67
CA HIS A 199 -2.32 24.84 -7.55
C HIS A 199 -1.37 23.92 -8.32
N PHE A 200 -0.88 24.35 -9.48
CA PHE A 200 0.17 23.62 -10.22
C PHE A 200 1.56 23.95 -9.62
N ASN A 201 2.55 23.12 -9.93
CA ASN A 201 3.97 23.30 -9.52
C ASN A 201 4.04 23.62 -8.04
N THR A 202 3.36 22.82 -7.23
CA THR A 202 3.17 23.05 -5.78
C THR A 202 3.62 21.82 -5.02
N GLY A 203 4.53 22.00 -4.07
CA GLY A 203 4.95 20.97 -3.14
C GLY A 203 4.68 21.42 -1.72
N ILE A 204 4.74 20.48 -0.80
CA ILE A 204 4.37 20.73 0.61
C ILE A 204 5.60 20.54 1.43
N GLU A 205 5.96 21.55 2.22
CA GLU A 205 7.12 21.49 3.14
C GLU A 205 6.66 20.93 4.50
N ASP A 206 5.63 21.53 5.10
CA ASP A 206 5.11 21.07 6.41
C ASP A 206 3.66 21.54 6.61
N ALA A 207 3.04 21.00 7.64
CA ALA A 207 1.70 21.39 8.15
C ALA A 207 1.97 22.22 9.41
N PHE A 208 1.10 23.19 9.73
CA PHE A 208 1.09 23.90 11.03
C PHE A 208 -0.34 23.94 11.60
N GLY A 209 -0.44 24.18 12.91
CA GLY A 209 -1.70 24.44 13.63
C GLY A 209 -1.47 24.38 15.14
N GLY A 210 -2.56 24.27 15.92
CA GLY A 210 -2.55 24.10 17.39
C GLY A 210 -2.91 22.68 17.78
N GLU A 211 -4.11 22.47 18.31
CA GLU A 211 -4.63 21.10 18.62
C GLU A 211 -5.08 20.43 17.32
N VAL A 212 -5.29 21.21 16.25
CA VAL A 212 -5.71 20.74 14.89
C VAL A 212 -5.07 21.63 13.81
N LEU A 213 -5.10 21.10 12.58
CA LEU A 213 -4.46 21.66 11.37
C LEU A 213 -5.04 23.06 11.10
N GLN A 214 -4.19 24.04 10.76
CA GLN A 214 -4.60 25.42 10.38
C GLN A 214 -3.99 25.79 9.04
N GLY A 215 -3.00 25.02 8.57
CA GLY A 215 -2.47 25.30 7.24
C GLY A 215 -1.22 24.53 6.88
N LEU A 216 -0.75 24.84 5.68
CA LEU A 216 0.39 24.23 4.99
C LEU A 216 1.45 25.28 4.67
N ARG A 217 2.71 24.87 4.81
CA ARG A 217 3.88 25.59 4.25
C ARG A 217 4.14 24.94 2.89
N LEU A 218 4.04 25.73 1.82
CA LEU A 218 4.16 25.29 0.41
C LEU A 218 5.39 25.95 -0.23
N PHE A 219 5.76 25.44 -1.39
CA PHE A 219 6.85 25.94 -2.25
C PHE A 219 6.47 25.58 -3.68
N ASP A 220 6.83 26.49 -4.59
CA ASP A 220 6.86 26.25 -6.05
C ASP A 220 7.99 25.26 -6.36
N THR A 221 7.68 24.19 -7.08
CA THR A 221 8.60 23.09 -7.39
C THR A 221 9.59 23.53 -8.48
N ARG A 222 9.38 24.66 -9.16
CA ARG A 222 10.29 25.15 -10.23
C ARG A 222 11.31 26.16 -9.67
N THR A 223 10.89 27.03 -8.74
CA THR A 223 11.71 28.15 -8.21
C THR A 223 12.01 28.01 -6.70
N GLY A 224 11.24 27.20 -5.96
CA GLY A 224 11.35 27.07 -4.49
C GLY A 224 10.73 28.23 -3.74
N GLU A 225 10.10 29.17 -4.45
CA GLU A 225 9.40 30.30 -3.78
C GLU A 225 8.38 29.74 -2.79
N LYS A 226 8.39 30.24 -1.55
CA LYS A 226 7.56 29.69 -0.46
C LYS A 226 6.26 30.52 -0.33
N ARG A 227 5.19 29.88 0.13
CA ARG A 227 3.96 30.58 0.56
C ARG A 227 3.26 29.67 1.56
N SER A 228 2.28 30.25 2.25
CA SER A 228 1.39 29.57 3.23
C SER A 228 -0.02 29.43 2.66
N LEU A 229 -0.73 28.37 3.03
CA LEU A 229 -2.14 28.15 2.65
C LEU A 229 -2.90 27.85 3.93
N ASP A 230 -3.93 28.63 4.23
CA ASP A 230 -4.82 28.36 5.41
C ASP A 230 -5.84 27.29 4.99
N VAL A 231 -5.82 26.14 5.67
CA VAL A 231 -6.79 25.02 5.48
C VAL A 231 -6.96 24.33 6.83
N GLN A 232 -8.13 23.73 7.09
CA GLN A 232 -8.41 23.00 8.33
C GLN A 232 -8.42 21.50 8.01
N GLY A 233 -8.26 21.14 6.76
CA GLY A 233 -8.14 19.72 6.38
C GLY A 233 -7.15 19.53 5.28
N MET A 234 -6.51 18.36 5.24
CA MET A 234 -5.67 17.93 4.09
C MET A 234 -5.89 16.44 3.86
N PHE A 235 -6.27 16.08 2.63
CA PHE A 235 -6.51 14.70 2.19
C PHE A 235 -5.41 14.32 1.21
N TYR A 236 -4.85 13.13 1.41
CA TYR A 236 -3.83 12.52 0.54
C TYR A 236 -4.56 11.73 -0.56
N GLY A 237 -4.53 12.26 -1.79
CA GLY A 237 -4.90 11.57 -3.03
C GLY A 237 -3.66 11.27 -3.87
N ILE A 238 -2.57 10.89 -3.19
CA ILE A 238 -1.25 10.70 -3.85
C ILE A 238 -1.27 9.36 -4.58
N GLY A 239 -0.31 9.16 -5.49
CA GLY A 239 -0.25 7.94 -6.31
C GLY A 239 0.20 6.73 -5.49
N HIS A 240 0.11 5.56 -6.09
CA HIS A 240 0.53 4.24 -5.55
C HIS A 240 2.04 4.10 -5.71
N THR A 241 2.79 3.79 -4.66
CA THR A 241 4.24 3.46 -4.78
C THR A 241 4.45 2.01 -4.35
N PRO A 242 4.92 1.10 -5.23
CA PRO A 242 5.18 -0.28 -4.82
C PRO A 242 6.38 -0.29 -3.86
N ASN A 243 6.28 -1.07 -2.79
CA ASN A 243 7.36 -1.21 -1.79
C ASN A 243 8.31 -2.34 -2.20
N SER A 244 9.12 -2.09 -3.23
CA SER A 244 10.05 -3.08 -3.83
C SER A 244 11.50 -2.88 -3.35
N LYS A 245 11.78 -2.06 -2.36
CA LYS A 245 13.21 -1.79 -2.02
C LYS A 245 13.93 -3.07 -1.61
N LEU A 246 13.31 -4.02 -0.92
CA LEU A 246 14.04 -5.26 -0.53
C LEU A 246 14.67 -5.95 -1.73
N VAL A 247 14.05 -5.87 -2.90
CA VAL A 247 14.48 -6.71 -4.05
C VAL A 247 15.06 -5.83 -5.16
N ALA A 248 15.12 -4.51 -4.95
CA ALA A 248 15.69 -3.56 -5.94
C ALA A 248 17.12 -4.01 -6.26
N GLY A 249 17.43 -4.15 -7.56
CA GLY A 249 18.76 -4.59 -7.99
C GLY A 249 18.85 -6.09 -8.04
N GLN A 250 17.91 -6.86 -7.46
CA GLN A 250 18.00 -8.36 -7.46
C GLN A 250 16.94 -9.04 -8.33
N VAL A 251 15.77 -8.43 -8.50
CA VAL A 251 14.77 -8.91 -9.50
C VAL A 251 14.46 -7.73 -10.42
N GLU A 252 13.99 -8.05 -11.63
CA GLU A 252 13.63 -7.02 -12.62
C GLU A 252 12.42 -6.24 -12.11
N LEU A 253 12.57 -4.90 -12.04
CA LEU A 253 11.53 -3.89 -11.73
C LEU A 253 11.25 -3.01 -12.96
N ASP A 254 10.03 -2.51 -13.11
CA ASP A 254 9.71 -1.47 -14.13
C ASP A 254 10.16 -0.09 -13.62
N GLU A 255 9.93 0.96 -14.40
CA GLU A 255 10.45 2.33 -14.13
C GLU A 255 9.84 2.85 -12.85
N ALA A 256 8.62 2.44 -12.50
CA ALA A 256 7.93 2.96 -11.30
C ALA A 256 8.28 2.11 -10.06
N GLY A 257 9.08 1.04 -10.19
CA GLY A 257 9.45 0.16 -9.06
C GLY A 257 8.60 -1.08 -8.88
N TYR A 258 7.62 -1.35 -9.76
CA TYR A 258 6.78 -2.57 -9.74
C TYR A 258 7.65 -3.78 -10.13
N VAL A 259 7.48 -4.89 -9.44
CA VAL A 259 8.17 -6.15 -9.83
C VAL A 259 7.54 -6.61 -11.15
N LYS A 260 8.37 -7.03 -12.12
CA LYS A 260 7.89 -7.62 -13.40
C LYS A 260 7.64 -9.11 -13.18
N VAL A 261 6.48 -9.57 -13.62
CA VAL A 261 6.07 -10.99 -13.40
C VAL A 261 5.65 -11.59 -14.73
N ALA A 262 5.84 -12.90 -14.83
CA ALA A 262 5.35 -13.77 -15.91
C ALA A 262 4.47 -14.85 -15.26
N HIS A 263 3.50 -15.39 -15.99
CA HIS A 263 2.66 -16.55 -15.57
C HIS A 263 2.03 -16.27 -14.21
N GLY A 264 1.58 -15.03 -14.01
CA GLY A 264 0.84 -14.62 -12.80
C GLY A 264 1.72 -14.22 -11.63
N ALA A 265 2.85 -14.88 -11.36
CA ALA A 265 3.64 -14.59 -10.14
C ALA A 265 5.15 -14.74 -10.31
N ALA A 266 5.65 -15.25 -11.42
CA ALA A 266 7.10 -15.60 -11.51
C ALA A 266 7.92 -14.32 -11.75
N THR A 267 8.94 -14.07 -10.94
CA THR A 267 9.89 -12.94 -11.13
C THR A 267 10.99 -13.39 -12.11
N SER A 268 11.91 -12.49 -12.40
CA SER A 268 13.15 -12.77 -13.17
C SER A 268 14.03 -13.80 -12.45
N VAL A 269 13.84 -14.04 -11.15
CA VAL A 269 14.64 -15.07 -10.41
C VAL A 269 13.78 -16.31 -10.18
N PRO A 270 14.15 -17.47 -10.79
CA PRO A 270 13.50 -18.75 -10.49
C PRO A 270 13.48 -19.06 -8.99
N GLY A 271 12.29 -19.43 -8.46
CA GLY A 271 12.07 -19.68 -7.03
C GLY A 271 11.62 -18.44 -6.27
N VAL A 272 11.57 -17.28 -6.91
CA VAL A 272 11.10 -16.04 -6.25
C VAL A 272 9.82 -15.60 -6.96
N PHE A 273 8.75 -15.43 -6.19
CA PHE A 273 7.38 -15.14 -6.69
C PHE A 273 6.94 -13.83 -6.03
N SER A 274 6.18 -13.04 -6.78
CA SER A 274 5.63 -11.74 -6.33
C SER A 274 4.11 -11.90 -6.22
N ALA A 275 3.47 -11.27 -5.25
CA ALA A 275 1.98 -11.21 -5.18
C ALA A 275 1.53 -9.82 -4.71
N GLY A 276 0.42 -9.32 -5.28
CA GLY A 276 -0.35 -8.20 -4.73
C GLY A 276 0.01 -6.89 -5.38
N ASP A 277 -0.18 -5.81 -4.65
CA ASP A 277 0.05 -4.41 -5.09
C ASP A 277 1.50 -4.25 -5.58
N LEU A 278 2.45 -5.04 -5.08
CA LEU A 278 3.89 -4.96 -5.44
C LEU A 278 4.07 -5.03 -6.96
N HIS A 279 3.21 -5.75 -7.69
CA HIS A 279 3.37 -5.88 -9.15
C HIS A 279 2.12 -5.41 -9.91
N ASP A 280 1.15 -4.81 -9.22
CA ASP A 280 -0.18 -4.52 -9.82
C ASP A 280 -0.22 -3.06 -10.28
N THR A 281 -0.16 -2.80 -11.58
CA THR A 281 -0.28 -1.41 -12.10
C THR A 281 -1.72 -1.09 -12.49
N GLU A 282 -2.70 -1.96 -12.24
CA GLU A 282 -4.05 -1.83 -12.87
C GLU A 282 -5.20 -1.77 -11.87
N TRP A 283 -5.26 -2.66 -10.89
CA TRP A 283 -6.50 -2.96 -10.11
C TRP A 283 -6.43 -2.41 -8.68
N ARG A 284 -5.43 -2.84 -7.91
CA ARG A 284 -5.11 -2.35 -6.54
C ARG A 284 -6.32 -2.54 -5.62
N GLN A 285 -6.82 -3.77 -5.56
CA GLN A 285 -7.94 -4.11 -4.67
C GLN A 285 -7.49 -5.27 -3.78
N ALA A 286 -8.15 -5.42 -2.64
CA ALA A 286 -7.90 -6.50 -1.69
C ALA A 286 -8.21 -7.84 -2.35
N ILE A 287 -9.32 -7.91 -3.13
CA ILE A 287 -9.71 -9.21 -3.77
C ILE A 287 -8.67 -9.63 -4.83
N THR A 288 -8.13 -8.72 -5.63
CA THR A 288 -7.10 -9.04 -6.67
C THR A 288 -5.78 -9.39 -5.98
N ALA A 289 -5.45 -8.73 -4.87
CA ALA A 289 -4.24 -9.07 -4.10
C ALA A 289 -4.40 -10.47 -3.54
N ALA A 290 -5.58 -10.86 -3.05
CA ALA A 290 -5.75 -12.20 -2.45
C ALA A 290 -5.58 -13.27 -3.53
N GLY A 291 -6.22 -13.12 -4.69
CA GLY A 291 -6.06 -14.04 -5.84
C GLY A 291 -4.60 -14.18 -6.26
N SER A 292 -3.89 -13.07 -6.30
CA SER A 292 -2.44 -13.01 -6.59
C SER A 292 -1.66 -13.84 -5.55
N GLY A 293 -2.02 -13.76 -4.26
CA GLY A 293 -1.32 -14.50 -3.18
C GLY A 293 -1.46 -16.01 -3.41
N CYS A 294 -2.65 -16.44 -3.82
CA CYS A 294 -2.96 -17.83 -4.19
C CYS A 294 -2.09 -18.27 -5.37
N MET A 295 -2.02 -17.46 -6.41
CA MET A 295 -1.18 -17.75 -7.62
C MET A 295 0.29 -17.91 -7.20
N ALA A 296 0.82 -17.03 -6.35
CA ALA A 296 2.24 -17.12 -5.92
C ALA A 296 2.47 -18.43 -5.15
N ALA A 297 1.55 -18.81 -4.25
CA ALA A 297 1.67 -20.02 -3.39
C ALA A 297 1.61 -21.28 -4.25
N LEU A 298 0.63 -21.36 -5.15
CA LEU A 298 0.54 -22.51 -6.08
C LEU A 298 1.81 -22.55 -6.96
N SER A 299 2.28 -21.41 -7.43
CA SER A 299 3.53 -21.30 -8.25
C SER A 299 4.70 -21.85 -7.42
N ALA A 300 4.83 -21.45 -6.16
CA ALA A 300 5.95 -21.88 -5.31
C ALA A 300 5.88 -23.40 -5.10
N GLU A 301 4.69 -23.93 -4.84
CA GLU A 301 4.49 -25.36 -4.55
C GLU A 301 4.93 -26.17 -5.79
N ARG A 302 4.59 -25.71 -6.99
CA ARG A 302 4.89 -26.45 -8.25
C ARG A 302 6.40 -26.38 -8.54
N TYR A 303 7.02 -25.24 -8.27
CA TYR A 303 8.50 -25.07 -8.35
C TYR A 303 9.18 -26.02 -7.36
N LEU A 304 8.73 -26.10 -6.11
CA LEU A 304 9.38 -26.93 -5.10
C LEU A 304 9.28 -28.40 -5.53
N THR A 305 8.10 -28.82 -5.96
CA THR A 305 7.77 -30.21 -6.42
C THR A 305 8.64 -30.60 -7.61
N ALA A 306 8.62 -29.81 -8.67
CA ALA A 306 9.36 -30.05 -9.93
C ALA A 306 10.86 -30.21 -9.65
N ASN A 307 11.39 -29.53 -8.65
CA ASN A 307 12.84 -29.58 -8.31
C ASN A 307 13.11 -30.53 -7.15
N ASN A 308 12.09 -31.22 -6.64
CA ASN A 308 12.22 -32.22 -5.55
C ASN A 308 12.87 -31.58 -4.32
N LEU A 309 12.45 -30.37 -3.93
CA LEU A 309 13.08 -29.60 -2.84
C LEU A 309 12.34 -29.77 -1.52
N VAL A 310 11.21 -30.48 -1.45
CA VAL A 310 10.41 -30.55 -0.19
C VAL A 310 10.86 -31.74 0.68
N ARG A 311 11.13 -31.54 1.97
CA ARG A 311 11.44 -32.68 2.89
C ARG A 311 10.24 -32.96 3.82
N GLU A 312 10.05 -34.24 4.18
CA GLU A 312 9.13 -34.79 5.22
C GLU A 312 9.12 -33.88 6.48
N PHE A 313 10.25 -33.61 7.13
CA PHE A 313 10.41 -32.65 8.26
C PHE A 313 11.43 -31.57 7.85
N LYS A 314 11.33 -30.35 8.40
CA LYS A 314 12.30 -29.24 8.15
C LYS A 314 13.49 -29.38 9.10
PA FAD B . -0.43 -4.38 1.44
O1A FAD B . -1.86 -4.36 1.89
O2A FAD B . 0.26 -3.09 1.15
O5B FAD B . 0.44 -5.23 2.46
C5B FAD B . 1.89 -5.28 2.38
C4B FAD B . 2.37 -5.87 3.68
O4B FAD B . 3.80 -6.11 3.60
C3B FAD B . 2.16 -4.98 4.93
O3B FAD B . 1.72 -5.79 6.01
C2B FAD B . 3.58 -4.46 5.22
O2B FAD B . 3.78 -4.21 6.60
C1B FAD B . 4.39 -5.66 4.79
N9A FAD B . 5.79 -5.35 4.56
C8A FAD B . 6.38 -4.34 3.80
N7A FAD B . 7.68 -4.35 3.86
C5A FAD B . 7.98 -5.40 4.73
C6A FAD B . 9.19 -5.92 5.24
N6A FAD B . 10.38 -5.39 4.96
N1A FAD B . 9.13 -6.96 6.10
C2A FAD B . 7.92 -7.44 6.42
N3A FAD B . 6.71 -7.06 5.99
C4A FAD B . 6.81 -6.01 5.15
N1 FAD B . -9.13 -2.35 -1.47
C2 FAD B . -10.31 -2.94 -1.55
O2 FAD B . -10.47 -3.98 -2.23
N3 FAD B . -11.41 -2.42 -0.90
C4 FAD B . -11.36 -1.25 -0.18
O4 FAD B . -12.38 -0.86 0.40
C4X FAD B . -10.10 -0.63 -0.04
N5 FAD B . -9.99 0.46 0.68
C5X FAD B . -8.73 1.00 0.83
C6 FAD B . -8.59 2.12 1.66
C7 FAD B . -7.36 2.70 1.90
C7M FAD B . -7.29 3.93 2.79
C8 FAD B . -6.20 2.14 1.30
C8M FAD B . -4.83 2.75 1.55
C9 FAD B . -6.33 1.05 0.45
C9A FAD B . -7.57 0.45 0.21
N10 FAD B . -7.76 -0.68 -0.61
C10 FAD B . -9.01 -1.27 -0.74
C1' FAD B . -6.64 -1.31 -1.32
C2' FAD B . -6.16 -2.52 -0.59
O2' FAD B . -5.95 -2.16 0.79
C3' FAD B . -4.88 -3.01 -1.25
O3' FAD B . -5.13 -3.21 -2.64
C4' FAD B . -4.32 -4.32 -0.65
O4' FAD B . -4.24 -4.24 0.78
C5' FAD B . -2.95 -4.66 -1.18
O5' FAD B . -2.65 -5.98 -0.63
P FAD B . -1.14 -6.50 -0.60
O1P FAD B . -1.16 -7.73 0.26
O2P FAD B . -0.58 -6.50 -1.98
O3P FAD B . -0.34 -5.30 0.12
#